data_7U4J
#
_entry.id   7U4J
#
_cell.length_a   128.095
_cell.length_b   36.568
_cell.length_c   42.180
_cell.angle_alpha   90.000
_cell.angle_beta   101.300
_cell.angle_gamma   90.000
#
_symmetry.space_group_name_H-M   'C 1 2 1'
#
loop_
_entity.id
_entity.type
_entity.pdbx_description
1 polymer 'Phospholipid hydroperoxide glutathione peroxidase'
2 non-polymer ~{N}-(3-chloranyl-4-methoxy-phenyl)ethanamide
3 non-polymer 'THIOCYANATE ION'
4 water water
#
_entity_poly.entity_id   1
_entity_poly.type   'polypeptide(L)'
_entity_poly.pdbx_seq_one_letter_code
;MGSSHHHHHHSSGLVPRGSHMLEAASRDDWRCARSMHEFSAKDIDGHMVNLDKYRGFVCIVTNVASQCGKTEVNYTQLVD
LHARYAECGLRILAFPCNQFGKQEPGSNEEIKEFAAGYNVKFDMFSKICVNGDDAHPLWKWMKIQPKGKGILGNAIKWNF
TKFLIDKNGCVVKHYGPMEEPLVIEKDLPHYF
;
_entity_poly.pdbx_strand_id   A
#
loop_
_chem_comp.id
_chem_comp.type
_chem_comp.name
_chem_comp.formula
8NB non-polymer ~{N}-(3-chloranyl-4-methoxy-phenyl)ethanamide 'C9 H10 Cl N O2'
SCN non-polymer 'THIOCYANATE ION' 'C N S -1'
#
# COMPACT_ATOMS: atom_id res chain seq x y z
N ASP A 29 -17.39 0.15 -13.08
CA ASP A 29 -17.42 0.02 -11.63
C ASP A 29 -16.20 -0.76 -11.14
N TRP A 30 -15.72 -0.41 -9.93
CA TRP A 30 -14.45 -0.94 -9.44
C TRP A 30 -14.48 -2.46 -9.32
N ARG A 31 -15.65 -3.05 -9.11
CA ARG A 31 -15.72 -4.50 -8.97
C ARG A 31 -15.21 -5.22 -10.22
N CYS A 32 -15.41 -4.63 -11.40
CA CYS A 32 -15.05 -5.25 -12.66
C CYS A 32 -13.62 -4.97 -13.10
N ALA A 33 -12.87 -4.18 -12.33
CA ALA A 33 -11.49 -3.93 -12.71
C ALA A 33 -10.70 -5.23 -12.76
N ARG A 34 -9.76 -5.30 -13.71
CA ARG A 34 -8.86 -6.44 -13.84
C ARG A 34 -7.47 -6.17 -13.29
N SER A 35 -7.14 -4.92 -13.02
CA SER A 35 -5.77 -4.57 -12.70
C SER A 35 -5.75 -3.30 -11.86
N MET A 36 -4.76 -3.22 -10.96
CA MET A 36 -4.46 -1.96 -10.28
C MET A 36 -4.32 -0.81 -11.26
N HIS A 37 -3.88 -1.10 -12.48
CA HIS A 37 -3.57 -0.03 -13.43
C HIS A 37 -4.79 0.77 -13.86
N GLU A 38 -6.00 0.27 -13.63
CA GLU A 38 -7.18 1.02 -14.02
C GLU A 38 -7.52 2.14 -13.05
N PHE A 39 -6.81 2.24 -11.93
CA PHE A 39 -7.15 3.18 -10.86
C PHE A 39 -6.21 4.38 -10.87
N SER A 40 -6.66 5.46 -10.23
CA SER A 40 -5.86 6.65 -9.98
C SER A 40 -5.97 7.01 -8.51
N ALA A 41 -4.96 7.73 -8.01
CA ALA A 41 -4.97 8.15 -6.61
C ALA A 41 -4.17 9.44 -6.47
N LYS A 42 -4.58 10.28 -5.52
CA LYS A 42 -3.83 11.51 -5.22
C LYS A 42 -2.59 11.21 -4.40
N ASP A 43 -1.44 11.68 -4.85
CA ASP A 43 -0.24 11.50 -4.05
C ASP A 43 -0.29 12.42 -2.83
N ILE A 44 0.71 12.28 -1.96
CA ILE A 44 0.63 12.98 -0.68
C ILE A 44 0.78 14.48 -0.87
N ASP A 45 1.27 14.91 -2.01
CA ASP A 45 1.35 16.32 -2.35
C ASP A 45 0.07 16.84 -2.98
N GLY A 46 -0.92 15.99 -3.19
CA GLY A 46 -2.22 16.39 -3.69
C GLY A 46 -2.43 16.23 -5.19
N HIS A 47 -1.49 15.63 -5.91
CA HIS A 47 -1.56 15.50 -7.35
C HIS A 47 -2.08 14.12 -7.74
N MET A 48 -3.03 14.10 -8.69
CA MET A 48 -3.57 12.84 -9.15
C MET A 48 -2.50 12.05 -9.88
N VAL A 49 -2.41 10.76 -9.58
CA VAL A 49 -1.43 9.85 -10.16
C VAL A 49 -2.19 8.73 -10.86
N ASN A 50 -1.92 8.56 -12.14
CA ASN A 50 -2.44 7.42 -12.90
C ASN A 50 -1.64 6.18 -12.54
N LEU A 51 -2.30 5.18 -11.95
CA LEU A 51 -1.57 4.00 -11.48
C LEU A 51 -1.15 3.06 -12.61
N ASP A 52 -1.57 3.29 -13.85
CA ASP A 52 -0.98 2.49 -14.92
C ASP A 52 0.49 2.84 -15.16
N LYS A 53 1.00 3.89 -14.53
CA LYS A 53 2.43 4.11 -14.57
C LYS A 53 3.21 2.99 -13.91
N TYR A 54 2.55 2.13 -13.13
CA TYR A 54 3.21 0.99 -12.48
C TYR A 54 3.20 -0.26 -13.34
N ARG A 55 2.67 -0.20 -14.57
CA ARG A 55 2.73 -1.35 -15.46
C ARG A 55 4.18 -1.72 -15.74
N GLY A 56 4.50 -2.99 -15.57
CA GLY A 56 5.88 -3.44 -15.72
C GLY A 56 6.67 -3.45 -14.43
N PHE A 57 6.08 -3.03 -13.30
CA PHE A 57 6.74 -3.00 -12.02
C PHE A 57 6.01 -3.91 -11.04
N VAL A 58 6.76 -4.46 -10.08
CA VAL A 58 6.17 -5.24 -8.99
C VAL A 58 5.97 -4.32 -7.80
N CYS A 59 4.77 -4.32 -7.23
CA CYS A 59 4.39 -3.29 -6.27
C CYS A 59 3.95 -3.89 -4.94
N ILE A 60 4.28 -3.20 -3.86
CA ILE A 60 3.73 -3.46 -2.54
C ILE A 60 2.82 -2.29 -2.23
N VAL A 61 1.53 -2.57 -2.01
CA VAL A 61 0.55 -1.55 -1.65
C VAL A 61 0.17 -1.77 -0.20
N THR A 62 0.30 -0.72 0.61
CA THR A 62 0.15 -0.87 2.05
C THR A 62 -0.55 0.35 2.65
N ASN A 63 -1.34 0.11 3.70
CA ASN A 63 -1.95 1.21 4.44
C ASN A 63 -1.08 1.50 5.66
N VAL A 64 -0.70 2.76 5.84
CA VAL A 64 0.29 3.11 6.84
C VAL A 64 -0.31 4.03 7.90
N ALA A 65 0.35 4.07 9.04
CA ALA A 65 0.00 4.94 10.16
C ALA A 65 1.29 5.35 10.87
N SER A 66 1.26 6.52 11.52
CA SER A 66 2.47 7.05 12.16
C SER A 66 2.56 6.74 13.66
N GLN A 67 1.46 6.40 14.32
CA GLN A 67 1.46 6.24 15.76
C GLN A 67 1.05 4.82 16.15
N CYS A 68 1.43 3.84 15.35
CA CYS A 68 1.11 2.45 15.62
C CYS A 68 2.33 1.76 16.21
N GLY A 69 2.10 0.75 17.06
CA GLY A 69 3.21 -0.05 17.54
C GLY A 69 3.97 -0.74 16.43
N LYS A 70 3.35 -0.91 15.27
CA LYS A 70 3.99 -1.50 14.11
C LYS A 70 4.67 -0.47 13.22
N THR A 71 4.53 0.82 13.51
CA THR A 71 5.06 1.85 12.62
C THR A 71 6.56 1.70 12.36
N GLU A 72 7.34 1.52 13.42
CA GLU A 72 8.80 1.52 13.28
C GLU A 72 9.27 0.34 12.44
N VAL A 73 8.80 -0.86 12.75
CA VAL A 73 9.28 -2.01 11.98
C VAL A 73 8.82 -1.92 10.54
N ASN A 74 7.60 -1.42 10.30
CA ASN A 74 7.09 -1.45 8.94
C ASN A 74 7.77 -0.42 8.06
N TYR A 75 7.93 0.80 8.54
CA TYR A 75 8.63 1.81 7.73
C TYR A 75 10.08 1.38 7.49
N THR A 76 10.75 0.94 8.55
CA THR A 76 12.15 0.56 8.42
C THR A 76 12.32 -0.56 7.40
N GLN A 77 11.45 -1.59 7.44
CA GLN A 77 11.63 -2.70 6.52
C GLN A 77 11.13 -2.39 5.12
N LEU A 78 10.10 -1.56 4.99
CA LEU A 78 9.71 -1.14 3.65
C LEU A 78 10.81 -0.33 2.99
N VAL A 79 11.42 0.57 3.76
CA VAL A 79 12.53 1.36 3.21
C VAL A 79 13.69 0.45 2.82
N ASP A 80 13.94 -0.60 3.62
CA ASP A 80 15.03 -1.54 3.30
C ASP A 80 14.73 -2.34 2.05
N LEU A 81 13.50 -2.82 1.89
CA LEU A 81 13.14 -3.54 0.67
C LEU A 81 13.25 -2.63 -0.55
N HIS A 82 12.82 -1.38 -0.42
CA HIS A 82 12.91 -0.44 -1.54
C HIS A 82 14.37 -0.10 -1.84
N ALA A 83 15.22 0.03 -0.80
CA ALA A 83 16.62 0.36 -1.03
C ALA A 83 17.31 -0.71 -1.88
N ARG A 84 16.97 -1.97 -1.64
CA ARG A 84 17.67 -3.07 -2.28
C ARG A 84 17.00 -3.58 -3.55
N TYR A 85 15.69 -3.35 -3.74
CA TYR A 85 15.02 -3.89 -4.92
C TYR A 85 14.34 -2.87 -5.84
N ALA A 86 14.37 -1.58 -5.51
CA ALA A 86 13.83 -0.58 -6.44
C ALA A 86 14.52 -0.66 -7.80
N GLU A 87 15.84 -0.82 -7.82
CA GLU A 87 16.56 -0.89 -9.09
C GLU A 87 16.11 -2.07 -9.92
N CYS A 88 15.48 -3.07 -9.29
CA CYS A 88 14.97 -4.25 -9.98
C CYS A 88 13.52 -4.09 -10.42
N GLY A 89 12.86 -3.02 -10.01
CA GLY A 89 11.50 -2.75 -10.39
C GLY A 89 10.49 -2.84 -9.26
N LEU A 90 10.95 -2.98 -8.01
CA LEU A 90 10.03 -2.95 -6.88
C LEU A 90 9.57 -1.54 -6.62
N ARG A 91 8.27 -1.34 -6.48
CA ARG A 91 7.71 -0.05 -6.11
C ARG A 91 6.83 -0.27 -4.89
N ILE A 92 6.77 0.73 -4.03
CA ILE A 92 5.94 0.66 -2.84
C ILE A 92 4.99 1.84 -2.87
N LEU A 93 3.69 1.56 -2.73
CA LEU A 93 2.63 2.57 -2.70
C LEU A 93 2.07 2.60 -1.29
N ALA A 94 2.29 3.69 -0.57
CA ALA A 94 1.88 3.78 0.84
C ALA A 94 0.71 4.74 0.98
N PHE A 95 -0.40 4.24 1.52
CA PHE A 95 -1.62 5.01 1.73
C PHE A 95 -1.85 5.21 3.21
N PRO A 96 -1.69 6.43 3.73
CA PRO A 96 -2.04 6.69 5.13
C PRO A 96 -3.53 6.48 5.37
N CYS A 97 -3.85 6.07 6.59
CA CYS A 97 -5.25 5.75 6.92
C CYS A 97 -5.41 5.83 8.42
N ASN A 98 -6.40 6.61 8.87
CA ASN A 98 -6.63 6.86 10.29
C ASN A 98 -7.74 5.98 10.87
N GLN A 99 -8.07 4.88 10.22
CA GLN A 99 -9.24 4.09 10.64
C GLN A 99 -8.93 3.06 11.72
N PHE A 100 -7.67 2.87 12.10
CA PHE A 100 -7.30 1.80 13.01
C PHE A 100 -6.68 2.39 14.28
N GLY A 101 -7.50 2.55 15.31
CA GLY A 101 -7.05 3.17 16.53
C GLY A 101 -6.73 4.65 16.41
N LYS A 102 -7.14 5.30 15.32
CA LYS A 102 -6.86 6.72 15.09
C LYS A 102 -5.36 6.99 15.13
N GLN A 103 -4.59 6.10 14.52
CA GLN A 103 -3.14 6.17 14.62
C GLN A 103 -2.49 6.88 13.43
N GLU A 104 -3.27 7.54 12.57
CA GLU A 104 -2.74 8.46 11.55
C GLU A 104 -3.49 9.79 11.60
N PRO A 105 -3.44 10.48 12.74
CA PRO A 105 -4.31 11.65 12.93
C PRO A 105 -3.82 12.91 12.22
N GLY A 106 -2.59 12.92 11.73
CA GLY A 106 -2.01 14.14 11.22
C GLY A 106 -2.44 14.48 9.80
N SER A 107 -2.13 15.72 9.42
CA SER A 107 -2.36 16.16 8.05
C SER A 107 -1.41 15.44 7.09
N ASN A 108 -1.73 15.53 5.80
CA ASN A 108 -0.86 14.93 4.80
C ASN A 108 0.53 15.55 4.83
N GLU A 109 0.62 16.85 5.10
CA GLU A 109 1.93 17.48 5.21
C GLU A 109 2.71 16.92 6.38
N GLU A 110 2.03 16.69 7.50
CA GLU A 110 2.72 16.13 8.66
C GLU A 110 3.17 14.70 8.38
N ILE A 111 2.34 13.92 7.69
CA ILE A 111 2.67 12.54 7.35
C ILE A 111 3.87 12.49 6.41
N LYS A 112 3.90 13.37 5.41
CA LYS A 112 5.03 13.43 4.49
C LYS A 112 6.33 13.69 5.24
N GLU A 113 6.31 14.61 6.21
CA GLU A 113 7.51 14.87 7.01
C GLU A 113 7.88 13.65 7.85
N PHE A 114 6.88 12.99 8.43
CA PHE A 114 7.16 11.78 9.22
C PHE A 114 7.88 10.73 8.40
N ALA A 115 7.43 10.51 7.17
CA ALA A 115 8.03 9.49 6.31
C ALA A 115 9.44 9.89 5.92
N ALA A 116 9.67 11.19 5.75
CA ALA A 116 11.02 11.64 5.41
C ALA A 116 12.02 11.29 6.50
N GLY A 117 11.57 11.25 7.76
CA GLY A 117 12.43 10.89 8.87
C GLY A 117 12.94 9.47 8.78
N TYR A 118 12.20 8.60 8.09
CA TYR A 118 12.63 7.23 7.82
C TYR A 118 13.36 7.08 6.50
N ASN A 119 13.65 8.20 5.82
CA ASN A 119 14.32 8.18 4.52
C ASN A 119 13.51 7.43 3.48
N VAL A 120 12.18 7.59 3.55
CA VAL A 120 11.31 7.00 2.54
C VAL A 120 11.58 7.64 1.19
N LYS A 121 11.81 6.79 0.19
CA LYS A 121 11.94 7.21 -1.19
C LYS A 121 10.88 6.61 -2.08
N PHE A 122 10.01 5.75 -1.53
CA PHE A 122 8.94 5.16 -2.32
C PHE A 122 7.77 6.14 -2.35
N ASP A 123 6.63 5.72 -2.86
CA ASP A 123 5.59 6.65 -3.25
C ASP A 123 4.56 6.79 -2.13
N MET A 124 4.46 7.99 -1.57
CA MET A 124 3.47 8.32 -0.53
C MET A 124 2.26 8.96 -1.18
N PHE A 125 1.07 8.54 -0.71
CA PHE A 125 -0.21 9.02 -1.23
C PHE A 125 -0.95 9.78 -0.15
N SER A 126 -1.95 10.56 -0.56
CA SER A 126 -2.78 11.27 0.40
C SER A 126 -3.58 10.27 1.25
N LYS A 127 -3.87 10.68 2.49
CA LYS A 127 -4.64 9.85 3.41
C LYS A 127 -6.00 9.49 2.83
N ILE A 128 -6.37 8.22 2.97
CA ILE A 128 -7.63 7.68 2.44
C ILE A 128 -8.32 6.89 3.53
N CYS A 129 -9.55 6.45 3.23
CA CYS A 129 -10.16 5.34 3.93
C CYS A 129 -9.93 4.08 3.12
N VAL A 130 -9.71 2.96 3.82
CA VAL A 130 -9.57 1.66 3.16
C VAL A 130 -10.80 0.79 3.39
N ASN A 131 -11.65 1.12 4.35
CA ASN A 131 -12.90 0.41 4.58
C ASN A 131 -14.04 1.43 4.52
N GLY A 132 -15.16 1.02 3.95
CA GLY A 132 -16.35 1.84 3.89
C GLY A 132 -16.72 2.21 2.47
N ASP A 133 -17.91 2.80 2.34
CA ASP A 133 -18.36 3.17 1.00
C ASP A 133 -17.55 4.33 0.45
N ASP A 134 -16.88 5.09 1.32
CA ASP A 134 -15.98 6.16 0.92
C ASP A 134 -14.54 5.69 0.79
N ALA A 135 -14.29 4.39 0.94
CA ALA A 135 -12.94 3.89 0.74
C ALA A 135 -12.47 4.13 -0.69
N HIS A 136 -11.18 4.29 -0.85
CA HIS A 136 -10.63 4.43 -2.19
C HIS A 136 -10.97 3.20 -3.01
N PRO A 137 -11.44 3.35 -4.25
CA PRO A 137 -11.85 2.18 -5.03
C PRO A 137 -10.74 1.17 -5.27
N LEU A 138 -9.48 1.58 -5.30
CA LEU A 138 -8.41 0.59 -5.42
C LEU A 138 -8.43 -0.36 -4.23
N TRP A 139 -8.69 0.16 -3.03
CA TRP A 139 -8.73 -0.69 -1.85
C TRP A 139 -9.97 -1.58 -1.85
N LYS A 140 -11.12 -1.02 -2.21
CA LYS A 140 -12.31 -1.86 -2.39
C LYS A 140 -12.01 -3.06 -3.29
N TRP A 141 -11.26 -2.82 -4.36
CA TRP A 141 -11.01 -3.85 -5.34
C TRP A 141 -9.97 -4.87 -4.85
N MET A 142 -8.86 -4.39 -4.24
CA MET A 142 -7.84 -5.31 -3.76
C MET A 142 -8.40 -6.30 -2.74
N LYS A 143 -9.33 -5.83 -1.89
CA LYS A 143 -9.82 -6.65 -0.80
C LYS A 143 -10.64 -7.85 -1.29
N ILE A 144 -11.18 -7.80 -2.50
CA ILE A 144 -12.02 -8.89 -2.99
C ILE A 144 -11.27 -9.81 -3.94
N GLN A 145 -9.99 -9.56 -4.19
CA GLN A 145 -9.24 -10.45 -5.06
C GLN A 145 -8.98 -11.76 -4.33
N PRO A 146 -9.21 -12.91 -4.99
CA PRO A 146 -9.15 -14.22 -4.33
C PRO A 146 -7.72 -14.62 -3.95
N LYS A 149 -13.41 -15.39 -3.98
CA LYS A 149 -13.49 -15.78 -2.58
C LYS A 149 -14.75 -15.22 -1.92
N GLY A 150 -14.94 -15.55 -0.64
CA GLY A 150 -16.18 -15.20 0.04
C GLY A 150 -16.37 -13.70 0.17
N ILE A 151 -17.62 -13.31 0.41
CA ILE A 151 -17.96 -11.90 0.53
C ILE A 151 -17.73 -11.36 1.95
N LEU A 152 -17.86 -12.20 2.96
CA LEU A 152 -17.71 -11.75 4.34
C LEU A 152 -16.24 -11.68 4.74
N GLY A 153 -15.92 -10.70 5.57
CA GLY A 153 -14.67 -10.72 6.32
C GLY A 153 -13.44 -10.22 5.59
N ASN A 154 -13.60 -9.46 4.50
CA ASN A 154 -12.48 -8.96 3.73
C ASN A 154 -12.02 -7.57 4.16
N ALA A 155 -12.66 -6.99 5.17
CA ALA A 155 -12.25 -5.66 5.62
C ALA A 155 -10.78 -5.66 6.05
N ILE A 156 -10.09 -4.54 5.79
CA ILE A 156 -8.76 -4.40 6.33
C ILE A 156 -8.85 -4.40 7.85
N LYS A 157 -7.96 -5.15 8.50
CA LYS A 157 -8.08 -5.41 9.93
C LYS A 157 -7.30 -4.43 10.80
N TRP A 158 -6.19 -3.88 10.31
CA TRP A 158 -5.40 -2.94 11.09
C TRP A 158 -4.45 -2.22 10.15
N ASN A 159 -3.64 -1.34 10.73
CA ASN A 159 -2.58 -0.67 9.99
C ASN A 159 -1.61 -1.70 9.42
N PHE A 160 -1.04 -1.37 8.26
CA PHE A 160 0.09 -2.11 7.65
C PHE A 160 -0.33 -3.50 7.15
N THR A 161 -1.49 -3.58 6.52
CA THR A 161 -1.76 -4.67 5.60
C THR A 161 -0.96 -4.41 4.33
N LYS A 162 -0.50 -5.49 3.69
CA LYS A 162 0.33 -5.38 2.48
C LYS A 162 -0.25 -6.27 1.40
N PHE A 163 -0.49 -5.70 0.22
CA PHE A 163 -0.81 -6.46 -0.97
C PHE A 163 0.38 -6.44 -1.92
N LEU A 164 0.69 -7.60 -2.48
CA LEU A 164 1.73 -7.71 -3.51
C LEU A 164 1.06 -7.75 -4.88
N ILE A 165 1.53 -6.90 -5.79
CA ILE A 165 0.93 -6.66 -7.10
C ILE A 165 1.95 -7.01 -8.17
N ASP A 166 1.55 -7.81 -9.15
CA ASP A 166 2.49 -8.21 -10.19
C ASP A 166 2.57 -7.15 -11.28
N LYS A 167 3.41 -7.41 -12.29
CA LYS A 167 3.69 -6.39 -13.31
C LYS A 167 2.47 -6.09 -14.18
N ASN A 168 1.48 -6.97 -14.20
CA ASN A 168 0.23 -6.71 -14.90
C ASN A 168 -0.82 -6.08 -14.00
N GLY A 169 -0.46 -5.75 -12.77
CA GLY A 169 -1.40 -5.10 -11.87
C GLY A 169 -2.34 -6.04 -11.13
N CYS A 170 -2.06 -7.34 -11.13
CA CYS A 170 -2.90 -8.29 -10.41
C CYS A 170 -2.41 -8.47 -8.98
N VAL A 171 -3.36 -8.65 -8.06
CA VAL A 171 -3.03 -8.98 -6.68
C VAL A 171 -2.61 -10.44 -6.65
N VAL A 172 -1.39 -10.70 -6.18
CA VAL A 172 -0.88 -12.06 -6.12
C VAL A 172 -0.66 -12.58 -4.69
N LYS A 173 -0.49 -11.70 -3.70
CA LYS A 173 -0.35 -12.13 -2.31
C LYS A 173 -0.91 -11.05 -1.39
N HIS A 174 -1.40 -11.47 -0.22
CA HIS A 174 -1.77 -10.57 0.85
C HIS A 174 -0.98 -10.94 2.10
N TYR A 175 -0.43 -9.94 2.77
CA TYR A 175 0.30 -10.12 4.02
C TYR A 175 -0.40 -9.27 5.08
N GLY A 176 -0.83 -9.93 6.15
CA GLY A 176 -1.60 -9.26 7.19
C GLY A 176 -0.76 -8.28 7.97
N PRO A 177 -1.41 -7.44 8.76
CA PRO A 177 -0.65 -6.47 9.56
C PRO A 177 0.26 -7.11 10.62
N MET A 178 0.16 -8.43 10.89
CA MET A 178 1.13 -9.14 11.71
C MET A 178 2.40 -9.53 10.95
N GLU A 179 2.40 -9.42 9.63
CA GLU A 179 3.54 -9.89 8.85
C GLU A 179 4.51 -8.73 8.65
N GLU A 180 5.76 -8.92 9.08
CA GLU A 180 6.75 -7.87 8.85
C GLU A 180 7.06 -7.81 7.35
N PRO A 181 7.37 -6.64 6.81
CA PRO A 181 7.57 -6.55 5.36
C PRO A 181 8.65 -7.48 4.82
N LEU A 182 9.69 -7.79 5.61
CA LEU A 182 10.77 -8.64 5.10
C LEU A 182 10.33 -10.08 4.87
N VAL A 183 9.15 -10.45 5.36
CA VAL A 183 8.56 -11.73 5.02
C VAL A 183 8.27 -11.81 3.53
N ILE A 184 8.02 -10.66 2.89
CA ILE A 184 7.67 -10.61 1.48
C ILE A 184 8.86 -10.95 0.57
N GLU A 185 10.08 -10.68 1.04
CA GLU A 185 11.26 -10.74 0.16
C GLU A 185 11.36 -12.09 -0.56
N LYS A 186 11.09 -13.18 0.14
CA LYS A 186 11.26 -14.49 -0.48
C LYS A 186 10.27 -14.73 -1.62
N ASP A 187 9.13 -14.05 -1.63
CA ASP A 187 8.14 -14.26 -2.68
C ASP A 187 8.41 -13.41 -3.91
N LEU A 188 9.23 -12.37 -3.80
CA LEU A 188 9.44 -11.46 -4.92
C LEU A 188 9.98 -12.12 -6.19
N PRO A 189 10.92 -13.08 -6.15
CA PRO A 189 11.48 -13.59 -7.41
C PRO A 189 10.45 -14.17 -8.37
N HIS A 190 9.33 -14.70 -7.85
CA HIS A 190 8.32 -15.30 -8.71
C HIS A 190 7.66 -14.26 -9.62
N TYR A 191 7.80 -12.97 -9.32
CA TYR A 191 7.06 -11.95 -10.04
C TYR A 191 7.94 -10.95 -10.77
N PHE A 192 9.23 -10.87 -10.44
CA PHE A 192 10.12 -9.99 -11.18
C PHE A 192 10.34 -10.50 -12.60
C4 8NB B . 16.16 -9.31 -12.16
C5 8NB B . 15.82 -10.41 -12.92
C6 8NB B . 16.77 -11.39 -13.18
C7 8NB B . 16.03 -13.60 -13.18
C8 8NB B . 17.38 -6.66 -11.08
C9 8NB B . 17.79 -5.61 -10.05
N1 8NB B . 17.77 -8.03 -10.83
C3 8NB B . 17.45 -9.18 -11.66
C1 8NB B . 18.05 -11.26 -12.66
C2 8NB B . 18.39 -10.17 -11.90
O1 8NB B . 16.43 -12.51 -13.96
CL1 8NB B . 14.17 -10.56 -13.57
O2 8NB B . 16.79 -6.35 -12.06
S SCN C . -4.81 -7.74 12.78
C SCN C . -3.20 -7.46 13.47
N SCN C . -2.13 -7.28 13.95
#